data_4EHE
#
_entry.id   4EHE
#
_cell.length_a   108.196
_cell.length_b   108.196
_cell.length_c   153.103
_cell.angle_alpha   90.00
_cell.angle_beta   90.00
_cell.angle_gamma   90.00
#
_symmetry.space_group_name_H-M   'P 41 21 2'
#
loop_
_entity.id
_entity.type
_entity.pdbx_description
1 polymer 'Serine/threonine-protein kinase B-raf'
2 non-polymer 4-amino-N-{2,6-difluoro-3-[(propylsulfonyl)amino]phenyl}thieno[3,2-d]pyrimidine-7-carboxamide
#
_entity_poly.entity_id   1
_entity_poly.type   'polypeptide(L)'
_entity_poly.pdbx_seq_one_letter_code
;MDRGSHHHHHHGSEDRNRMKTLGRRDSSDDWEIPDGQITVGQRIGSGSFGTVYKGKWHGDVAVKMLNVTAPTPQQLQAFK
NEVGVLRKTRHVNILLFMGYSTKPQLAIVTQWCEGSSLYHHLHIIETKFEMIKLIDIARQTAQGMDYLHAKSIIHRDLKS
NNIFLHEDLTVKIGDFGLATVKSRWSGSHQFEQLSGSILWMAPEVIRMQDKNPYSFQSDVYAFGIVLYELMTGQLPYSNI
NNRDQIIFMVGRGYLSPDLSKVRSNCPKAMKRLMAECLKKKRDERPLFPQILASIELLARSLPKIHR
;
_entity_poly.pdbx_strand_id   A,B
#
# COMPACT_ATOMS: atom_id res chain seq x y z
N ASP A 29 1.86 16.11 -9.54
CA ASP A 29 1.24 16.66 -8.28
C ASP A 29 -0.30 16.46 -8.24
N ASP A 30 -1.03 17.57 -8.23
CA ASP A 30 -2.43 17.59 -7.82
C ASP A 30 -3.32 16.40 -8.23
N TRP A 31 -3.91 15.76 -7.23
CA TRP A 31 -4.65 14.49 -7.37
C TRP A 31 -6.09 14.64 -7.87
N GLU A 32 -6.37 15.77 -8.51
CA GLU A 32 -7.62 15.96 -9.23
C GLU A 32 -7.83 14.74 -10.13
N ILE A 33 -9.01 14.14 -10.08
CA ILE A 33 -9.32 13.05 -11.00
C ILE A 33 -10.46 13.44 -11.96
N PRO A 34 -10.11 14.02 -13.14
CA PRO A 34 -11.05 14.45 -14.17
C PRO A 34 -12.19 13.46 -14.42
N ASP A 35 -13.36 14.02 -14.73
CA ASP A 35 -14.57 13.24 -14.94
C ASP A 35 -14.33 12.13 -15.97
N GLY A 36 -15.33 11.26 -16.13
CA GLY A 36 -15.28 10.22 -17.13
C GLY A 36 -14.32 9.11 -16.78
N GLN A 37 -13.26 9.44 -16.03
CA GLN A 37 -12.23 8.48 -15.59
C GLN A 37 -12.73 7.46 -14.56
N ILE A 38 -13.43 7.92 -13.52
CA ILE A 38 -13.92 7.01 -12.50
C ILE A 38 -15.26 6.41 -12.90
N THR A 39 -15.32 5.09 -12.92
CA THR A 39 -16.57 4.37 -13.09
C THR A 39 -17.13 4.10 -11.70
N VAL A 40 -18.37 4.49 -11.48
CA VAL A 40 -19.09 4.17 -10.24
C VAL A 40 -19.89 2.88 -10.42
N GLY A 41 -19.92 2.06 -9.36
CA GLY A 41 -20.70 0.82 -9.36
C GLY A 41 -21.46 0.64 -8.05
N GLN A 42 -21.52 -0.63 -7.61
CA GLN A 42 -22.27 -1.07 -6.43
C GLN A 42 -22.14 -0.14 -5.21
N ARG A 43 -23.25 0.06 -4.50
CA ARG A 43 -23.33 1.02 -3.38
C ARG A 43 -23.17 0.36 -2.01
N ILE A 44 -22.64 1.10 -1.04
CA ILE A 44 -22.48 0.55 0.32
C ILE A 44 -22.74 1.44 1.56
N GLY A 45 -22.33 2.72 1.51
CA GLY A 45 -22.31 3.59 2.70
C GLY A 45 -23.52 4.51 2.90
N SER A 46 -23.89 4.75 4.16
CA SER A 46 -25.09 5.54 4.51
C SER A 46 -24.83 6.73 5.46
N GLY A 47 -25.95 7.32 5.93
CA GLY A 47 -25.94 8.51 6.80
C GLY A 47 -25.70 9.79 6.01
N SER A 48 -25.17 10.81 6.68
CA SER A 48 -24.52 11.93 6.00
C SER A 48 -23.02 11.59 5.86
N PHE A 49 -22.13 12.57 6.06
CA PHE A 49 -20.69 12.46 5.74
C PHE A 49 -20.38 11.91 4.33
N GLY A 50 -21.39 11.36 3.65
CA GLY A 50 -21.24 10.82 2.31
C GLY A 50 -21.74 9.40 2.09
N THR A 51 -21.86 9.04 0.81
CA THR A 51 -22.22 7.67 0.37
C THR A 51 -20.97 7.04 -0.23
N VAL A 52 -20.72 5.78 0.10
CA VAL A 52 -19.54 5.06 -0.39
C VAL A 52 -19.94 4.00 -1.41
N TYR A 53 -19.39 4.13 -2.62
CA TYR A 53 -19.61 3.16 -3.69
C TYR A 53 -18.29 2.48 -4.05
N LYS A 54 -18.36 1.18 -4.36
CA LYS A 54 -17.24 0.46 -4.94
C LYS A 54 -17.09 0.90 -6.39
N GLY A 55 -15.86 1.20 -6.82
CA GLY A 55 -15.64 1.78 -8.14
C GLY A 55 -14.56 1.08 -8.96
N LYS A 56 -14.19 1.71 -10.07
CA LYS A 56 -13.11 1.25 -10.92
C LYS A 56 -12.30 2.44 -11.39
N TRP A 57 -10.99 2.41 -11.15
CA TRP A 57 -10.05 3.45 -11.57
C TRP A 57 -8.65 2.90 -11.45
N HIS A 58 -8.14 2.38 -12.57
CA HIS A 58 -6.93 1.54 -12.58
C HIS A 58 -7.14 0.39 -11.62
N GLY A 59 -8.29 -0.25 -11.74
CA GLY A 59 -8.67 -1.38 -10.91
C GLY A 59 -9.79 -0.98 -9.99
N ASP A 60 -10.24 -1.93 -9.19
CA ASP A 60 -11.27 -1.71 -8.17
C ASP A 60 -10.86 -0.64 -7.17
N VAL A 61 -11.70 0.37 -7.00
CA VAL A 61 -11.49 1.41 -5.98
C VAL A 61 -12.69 1.57 -5.05
N ALA A 62 -12.52 2.34 -3.99
CA ALA A 62 -13.63 2.78 -3.19
C ALA A 62 -13.79 4.27 -3.43
N VAL A 63 -15.04 4.71 -3.60
CA VAL A 63 -15.33 6.14 -3.78
C VAL A 63 -16.37 6.62 -2.77
N LYS A 64 -15.96 7.54 -1.92
CA LYS A 64 -16.88 8.17 -0.98
C LYS A 64 -17.33 9.49 -1.58
N MET A 65 -18.58 9.50 -2.01
CA MET A 65 -19.19 10.69 -2.57
C MET A 65 -19.95 11.44 -1.48
N LEU A 66 -19.49 12.66 -1.20
CA LEU A 66 -20.07 13.49 -0.14
C LEU A 66 -21.53 13.87 -0.41
N ASN A 67 -21.93 13.73 -1.68
CA ASN A 67 -23.28 14.08 -2.19
C ASN A 67 -23.89 15.45 -1.77
N VAL A 68 -23.09 16.23 -1.03
CA VAL A 68 -23.41 17.61 -0.67
C VAL A 68 -23.40 18.49 -1.93
N THR A 69 -24.55 18.48 -2.62
CA THR A 69 -24.65 18.88 -4.04
C THR A 69 -24.40 20.36 -4.37
N ALA A 70 -23.53 20.57 -5.36
CA ALA A 70 -23.12 21.89 -5.86
C ALA A 70 -22.67 22.91 -4.80
N PRO A 71 -21.46 22.74 -4.24
CA PRO A 71 -20.63 23.87 -3.78
C PRO A 71 -19.84 24.44 -4.97
N THR A 72 -19.52 25.73 -5.07
CA THR A 72 -19.64 26.82 -4.08
C THR A 72 -18.46 26.88 -3.11
N PRO A 73 -17.36 27.58 -3.50
CA PRO A 73 -16.36 27.95 -2.49
C PRO A 73 -17.01 28.94 -1.51
N GLN A 74 -16.45 29.09 -0.31
CA GLN A 74 -15.23 28.43 0.13
C GLN A 74 -15.49 27.03 0.70
N GLN A 75 -16.65 26.46 0.38
CA GLN A 75 -16.91 25.07 0.69
C GLN A 75 -15.94 24.22 -0.15
N LEU A 76 -15.88 24.52 -1.45
CA LEU A 76 -14.92 23.86 -2.35
C LEU A 76 -13.49 23.98 -1.81
N GLN A 77 -13.09 25.21 -1.45
CA GLN A 77 -11.77 25.46 -0.90
C GLN A 77 -11.45 24.59 0.32
N ALA A 78 -12.45 24.40 1.19
CA ALA A 78 -12.28 23.62 2.43
C ALA A 78 -11.94 22.15 2.16
N PHE A 79 -12.66 21.55 1.20
CA PHE A 79 -12.44 20.18 0.76
C PHE A 79 -11.01 19.99 0.27
N LYS A 80 -10.55 20.89 -0.60
CA LYS A 80 -9.16 20.87 -1.07
C LYS A 80 -8.16 20.87 0.07
N ASN A 81 -8.48 21.57 1.15
CA ASN A 81 -7.62 21.65 2.33
C ASN A 81 -7.70 20.38 3.15
N GLU A 82 -8.89 19.81 3.21
CA GLU A 82 -9.14 18.55 3.92
C GLU A 82 -8.41 17.37 3.29
N VAL A 83 -8.40 17.37 1.97
CA VAL A 83 -7.58 16.48 1.15
C VAL A 83 -6.09 16.61 1.50
N GLY A 84 -5.64 17.84 1.74
CA GLY A 84 -4.26 18.11 2.12
C GLY A 84 -3.76 17.25 3.26
N VAL A 85 -4.62 17.03 4.24
CA VAL A 85 -4.27 16.16 5.37
C VAL A 85 -4.07 14.71 4.90
N LEU A 86 -5.03 14.18 4.12
CA LEU A 86 -4.97 12.82 3.60
C LEU A 86 -3.68 12.50 2.85
N ARG A 87 -3.27 13.38 1.95
CA ARG A 87 -2.07 13.15 1.15
C ARG A 87 -0.80 13.00 2.00
N LYS A 88 -0.88 13.37 3.28
CA LYS A 88 0.27 13.28 4.20
C LYS A 88 0.49 11.88 4.74
N THR A 89 -0.46 10.98 4.43
CA THR A 89 -0.46 9.61 4.92
C THR A 89 0.12 8.65 3.88
N ARG A 90 1.14 7.90 4.30
CA ARG A 90 1.71 6.83 3.48
C ARG A 90 2.18 5.70 4.36
N HIS A 91 1.30 4.74 4.60
CA HIS A 91 1.57 3.67 5.55
C HIS A 91 0.71 2.43 5.33
N VAL A 92 1.35 1.26 5.45
CA VAL A 92 0.68 0.01 5.16
C VAL A 92 -0.65 -0.13 5.93
N ASN A 93 -0.73 0.51 7.10
CA ASN A 93 -1.87 0.32 8.00
C ASN A 93 -2.91 1.42 7.90
N ILE A 94 -2.59 2.44 7.12
CA ILE A 94 -3.50 3.52 6.76
C ILE A 94 -4.04 3.24 5.37
N LEU A 95 -5.36 3.37 5.19
CA LEU A 95 -6.04 3.23 3.89
C LEU A 95 -5.38 4.12 2.85
N LEU A 96 -5.17 3.58 1.66
CA LEU A 96 -4.46 4.32 0.61
C LEU A 96 -5.33 5.38 -0.07
N PHE A 97 -5.10 6.65 0.27
CA PHE A 97 -5.74 7.73 -0.47
C PHE A 97 -5.15 7.71 -1.85
N MET A 98 -5.99 7.61 -2.86
CA MET A 98 -5.50 7.56 -4.25
C MET A 98 -5.84 8.82 -5.10
N GLY A 99 -6.82 9.59 -4.64
CA GLY A 99 -7.34 10.74 -5.41
C GLY A 99 -8.73 11.19 -5.02
N TYR A 100 -9.11 12.37 -5.53
CA TYR A 100 -10.39 13.01 -5.20
C TYR A 100 -11.11 13.58 -6.41
N SER A 101 -12.43 13.49 -6.38
CA SER A 101 -13.28 14.08 -7.42
C SER A 101 -13.85 15.43 -6.97
N THR A 102 -13.92 16.38 -7.91
CA THR A 102 -14.68 17.62 -7.70
C THR A 102 -15.87 17.71 -8.67
N LYS A 103 -15.64 17.32 -9.92
CA LYS A 103 -16.64 17.49 -10.99
C LYS A 103 -17.96 16.72 -10.77
N PRO A 104 -18.01 15.39 -11.07
CA PRO A 104 -19.36 14.77 -10.95
C PRO A 104 -20.04 15.14 -9.61
N GLN A 105 -19.25 15.09 -8.54
CA GLN A 105 -19.58 15.53 -7.18
C GLN A 105 -18.25 15.82 -6.49
N LEU A 106 -18.30 16.28 -5.25
CA LEU A 106 -17.15 16.20 -4.35
C LEU A 106 -16.98 14.75 -3.88
N ALA A 107 -15.75 14.22 -3.96
CA ALA A 107 -15.47 12.81 -3.63
C ALA A 107 -13.99 12.46 -3.39
N ILE A 108 -13.78 11.41 -2.59
CA ILE A 108 -12.46 10.87 -2.31
C ILE A 108 -12.38 9.41 -2.74
N VAL A 109 -11.29 9.10 -3.45
CA VAL A 109 -11.06 7.76 -3.96
C VAL A 109 -9.93 7.12 -3.19
N THR A 110 -10.17 5.89 -2.77
CA THR A 110 -9.17 5.13 -2.04
C THR A 110 -9.06 3.73 -2.64
N GLN A 111 -8.02 3.01 -2.24
CA GLN A 111 -7.91 1.60 -2.57
C GLN A 111 -9.18 0.90 -2.15
N TRP A 112 -9.51 -0.19 -2.83
CA TRP A 112 -10.62 -1.02 -2.41
C TRP A 112 -10.05 -2.17 -1.61
N CYS A 113 -10.78 -2.64 -0.61
CA CYS A 113 -10.29 -3.72 0.22
C CYS A 113 -11.16 -4.93 0.15
N GLU A 114 -10.51 -6.07 -0.04
CA GLU A 114 -11.15 -7.37 -0.01
C GLU A 114 -11.34 -7.83 1.43
N GLY A 115 -12.26 -8.77 1.67
CA GLY A 115 -12.60 -9.17 3.05
C GLY A 115 -13.45 -8.09 3.71
N SER A 116 -13.70 -8.22 5.01
CA SER A 116 -14.66 -7.33 5.68
C SER A 116 -14.03 -6.46 6.78
N SER A 117 -14.81 -5.54 7.35
CA SER A 117 -14.33 -4.71 8.46
C SER A 117 -14.32 -5.50 9.76
N LEU A 118 -13.53 -5.04 10.74
CA LEU A 118 -13.32 -5.74 12.03
C LEU A 118 -14.61 -5.85 12.86
N TYR A 119 -15.39 -4.77 12.83
CA TYR A 119 -16.71 -4.74 13.43
C TYR A 119 -17.55 -5.84 12.81
N HIS A 120 -17.49 -5.99 11.49
CA HIS A 120 -18.18 -7.09 10.84
C HIS A 120 -17.65 -8.48 11.30
N HIS A 121 -16.34 -8.66 11.30
CA HIS A 121 -15.80 -9.97 11.66
C HIS A 121 -16.23 -10.36 13.05
N LEU A 122 -16.07 -9.41 13.97
CA LEU A 122 -16.34 -9.66 15.38
C LEU A 122 -17.82 -9.80 15.67
N HIS A 123 -18.61 -8.79 15.33
CA HIS A 123 -19.98 -8.73 15.83
C HIS A 123 -21.06 -8.97 14.79
N ILE A 124 -20.70 -9.38 13.58
CA ILE A 124 -21.73 -9.70 12.60
C ILE A 124 -21.60 -11.13 12.15
N ILE A 125 -20.41 -11.54 11.74
CA ILE A 125 -20.26 -12.92 11.36
C ILE A 125 -19.70 -13.71 12.52
N GLU A 126 -19.02 -13.05 13.44
CA GLU A 126 -18.53 -13.69 14.67
C GLU A 126 -17.30 -14.55 14.40
N THR A 127 -16.54 -14.19 13.38
CA THR A 127 -15.29 -14.86 13.07
C THR A 127 -14.49 -15.03 14.35
N LYS A 128 -14.32 -16.25 14.82
CA LYS A 128 -13.47 -16.46 15.99
C LYS A 128 -11.99 -16.43 15.56
N PHE A 129 -11.26 -15.41 16.00
CA PHE A 129 -9.83 -15.33 15.70
C PHE A 129 -9.01 -16.07 16.73
N GLU A 130 -7.91 -16.66 16.27
CA GLU A 130 -6.91 -17.23 17.15
C GLU A 130 -6.32 -16.09 17.98
N MET A 131 -6.03 -16.36 19.25
CA MET A 131 -5.51 -15.33 20.16
C MET A 131 -4.31 -14.59 19.56
N ILE A 132 -3.49 -15.32 18.79
CA ILE A 132 -2.28 -14.78 18.17
C ILE A 132 -2.59 -13.71 17.13
N LYS A 133 -3.60 -13.99 16.31
CA LYS A 133 -4.09 -13.08 15.29
C LYS A 133 -4.69 -11.84 15.94
N LEU A 134 -5.57 -12.03 16.92
CA LEU A 134 -6.18 -10.93 17.68
C LEU A 134 -5.15 -9.92 18.19
N ILE A 135 -4.11 -10.41 18.84
CA ILE A 135 -3.00 -9.57 19.28
C ILE A 135 -2.38 -8.85 18.09
N ASP A 136 -2.43 -9.46 16.92
CA ASP A 136 -1.80 -8.85 15.77
C ASP A 136 -2.61 -7.72 15.15
N ILE A 137 -3.92 -7.93 15.01
CA ILE A 137 -4.79 -6.87 14.55
C ILE A 137 -4.53 -5.64 15.42
N ALA A 138 -4.53 -5.85 16.73
CA ALA A 138 -4.23 -4.82 17.70
C ALA A 138 -2.89 -4.18 17.41
N ARG A 139 -1.91 -5.03 17.12
CA ARG A 139 -0.55 -4.57 16.87
C ARG A 139 -0.52 -3.61 15.69
N GLN A 140 -1.18 -3.98 14.61
CA GLN A 140 -1.19 -3.19 13.39
C GLN A 140 -1.93 -1.89 13.59
N THR A 141 -3.06 -1.98 14.30
CA THR A 141 -3.91 -0.84 14.53
C THR A 141 -3.16 0.23 15.29
N ALA A 142 -2.46 -0.19 16.34
CA ALA A 142 -1.66 0.73 17.12
C ALA A 142 -0.56 1.29 16.21
N GLN A 143 0.04 0.40 15.43
CA GLN A 143 1.04 0.80 14.46
C GLN A 143 0.57 1.97 13.60
N GLY A 144 -0.64 1.86 13.07
CA GLY A 144 -1.19 2.86 12.17
C GLY A 144 -1.47 4.17 12.88
N MET A 145 -1.98 4.06 14.10
CA MET A 145 -2.34 5.23 14.89
C MET A 145 -1.08 5.99 15.28
N ASP A 146 -0.07 5.24 15.75
CA ASP A 146 1.21 5.84 16.07
C ASP A 146 1.67 6.71 14.91
N TYR A 147 1.59 6.15 13.69
CA TYR A 147 1.89 6.89 12.47
C TYR A 147 0.99 8.15 12.33
N LEU A 148 -0.33 7.96 12.32
CA LEU A 148 -1.26 9.09 12.26
C LEU A 148 -0.87 10.22 13.22
N HIS A 149 -0.67 9.85 14.48
CA HIS A 149 -0.32 10.80 15.52
C HIS A 149 1.04 11.47 15.25
N ALA A 150 2.04 10.66 14.88
CA ALA A 150 3.36 11.19 14.52
C ALA A 150 3.24 12.17 13.37
N LYS A 151 2.21 12.00 12.54
CA LYS A 151 1.94 12.97 11.47
C LYS A 151 0.88 14.00 11.86
N SER A 152 0.69 14.22 13.17
CA SER A 152 -0.25 15.21 13.71
C SER A 152 -1.68 15.05 13.23
N ILE A 153 -2.17 13.82 13.16
CA ILE A 153 -3.55 13.59 12.76
C ILE A 153 -4.34 12.87 13.82
N ILE A 154 -5.42 13.49 14.29
CA ILE A 154 -6.29 12.87 15.26
C ILE A 154 -7.46 12.28 14.49
N HIS A 155 -7.65 10.99 14.65
CA HIS A 155 -8.68 10.26 13.96
C HIS A 155 -10.09 10.71 14.35
N ARG A 156 -10.31 10.83 15.66
CA ARG A 156 -11.57 11.28 16.25
C ARG A 156 -12.73 10.36 15.92
N ASP A 157 -12.47 9.08 15.78
CA ASP A 157 -13.56 8.16 15.51
C ASP A 157 -13.02 6.76 15.29
N LEU A 158 -11.95 6.45 15.99
CA LEU A 158 -11.40 5.14 15.89
C LEU A 158 -12.47 4.23 16.45
N LYS A 159 -12.86 3.24 15.64
CA LYS A 159 -13.77 2.18 16.07
C LYS A 159 -13.57 1.01 15.15
N SER A 160 -14.08 -0.15 15.53
CA SER A 160 -13.83 -1.35 14.75
C SER A 160 -14.50 -1.34 13.37
N ASN A 161 -15.42 -0.40 13.14
CA ASN A 161 -16.07 -0.26 11.84
C ASN A 161 -15.12 0.43 10.86
N ASN A 162 -14.24 1.26 11.39
CA ASN A 162 -13.28 1.98 10.57
C ASN A 162 -11.94 1.29 10.51
N ILE A 163 -11.88 0.04 10.96
CA ILE A 163 -10.64 -0.72 10.93
C ILE A 163 -10.89 -1.88 10.02
N PHE A 164 -10.25 -1.86 8.86
CA PHE A 164 -10.54 -2.85 7.85
C PHE A 164 -9.53 -3.98 7.81
N LEU A 165 -10.05 -5.20 7.73
CA LEU A 165 -9.24 -6.39 7.54
C LEU A 165 -9.08 -6.71 6.06
N HIS A 166 -7.96 -6.27 5.48
CA HIS A 166 -7.75 -6.43 4.06
C HIS A 166 -7.08 -7.75 3.74
N GLU A 167 -7.72 -8.50 2.83
CA GLU A 167 -7.42 -9.91 2.58
C GLU A 167 -7.54 -10.70 3.88
N ASP A 168 -8.21 -10.09 4.86
CA ASP A 168 -8.35 -10.60 6.24
C ASP A 168 -7.01 -10.77 7.00
N LEU A 169 -5.94 -10.18 6.47
CA LEU A 169 -4.65 -10.13 7.18
C LEU A 169 -4.13 -8.74 7.50
N THR A 170 -4.30 -7.78 6.60
CA THR A 170 -3.68 -6.48 6.83
C THR A 170 -4.70 -5.45 7.29
N VAL A 171 -4.27 -4.55 8.16
CA VAL A 171 -5.14 -3.60 8.82
C VAL A 171 -5.04 -2.23 8.18
N LYS A 172 -6.20 -1.73 7.77
CA LYS A 172 -6.31 -0.46 7.11
C LYS A 172 -7.32 0.38 7.88
N ILE A 173 -6.83 1.46 8.48
CA ILE A 173 -7.65 2.38 9.26
C ILE A 173 -8.15 3.46 8.36
N GLY A 174 -9.46 3.66 8.35
CA GLY A 174 -10.05 4.67 7.49
C GLY A 174 -10.93 5.65 8.23
N ASP A 175 -11.52 6.57 7.46
CA ASP A 175 -12.50 7.55 7.93
C ASP A 175 -11.94 8.52 8.98
N PHE A 176 -10.64 8.78 8.90
CA PHE A 176 -9.96 9.69 9.83
C PHE A 176 -9.89 11.11 9.26
N GLY A 177 -10.34 11.26 8.03
CA GLY A 177 -10.28 12.54 7.36
C GLY A 177 -11.63 13.22 7.38
N LEU A 178 -11.62 14.52 7.06
CA LEU A 178 -12.82 15.34 6.87
C LEU A 178 -13.48 15.81 8.16
N ALA A 179 -12.79 15.61 9.29
CA ALA A 179 -13.07 16.44 10.44
C ALA A 179 -12.62 17.83 9.95
N THR A 180 -13.51 18.82 10.08
CA THR A 180 -13.48 20.19 9.45
C THR A 180 -14.52 20.39 8.35
N VAL A 181 -14.55 19.51 7.36
CA VAL A 181 -15.67 19.51 6.38
C VAL A 181 -16.99 19.08 7.05
N LYS A 182 -16.88 18.51 8.25
CA LYS A 182 -18.04 18.24 9.10
C LYS A 182 -18.35 19.38 10.10
N SER A 183 -17.36 20.24 10.32
CA SER A 183 -17.48 21.42 11.19
C SER A 183 -18.00 22.69 10.47
N ARG A 184 -18.09 22.62 9.13
CA ARG A 184 -18.59 23.73 8.32
C ARG A 184 -19.58 23.24 7.24
N SER A 195 -22.98 10.72 17.36
CA SER A 195 -24.13 9.89 17.75
C SER A 195 -23.94 8.46 17.22
N GLY A 196 -23.85 7.48 18.09
CA GLY A 196 -23.79 6.08 17.64
C GLY A 196 -22.40 5.54 17.32
N SER A 197 -21.36 6.25 17.75
CA SER A 197 -20.10 5.60 18.06
C SER A 197 -19.71 6.17 19.43
N ILE A 198 -20.73 6.19 20.28
CA ILE A 198 -20.62 6.65 21.63
C ILE A 198 -19.74 5.70 22.42
N LEU A 199 -19.83 4.41 22.08
CA LEU A 199 -19.10 3.37 22.77
C LEU A 199 -17.59 3.56 22.84
N TRP A 200 -17.03 4.28 21.87
CA TRP A 200 -15.58 4.47 21.80
C TRP A 200 -15.19 5.84 22.31
N MET A 201 -16.19 6.66 22.62
CA MET A 201 -15.94 7.99 23.15
C MET A 201 -15.40 7.93 24.56
N ALA A 202 -14.19 8.47 24.70
CA ALA A 202 -13.61 8.79 26.00
C ALA A 202 -14.57 9.69 26.79
N PRO A 203 -14.47 9.69 28.14
CA PRO A 203 -15.39 10.54 28.87
C PRO A 203 -15.31 12.03 28.46
N GLU A 204 -14.12 12.63 28.38
CA GLU A 204 -14.04 14.06 28.05
C GLU A 204 -14.77 14.34 26.75
N VAL A 205 -14.69 13.39 25.83
CA VAL A 205 -15.40 13.48 24.57
C VAL A 205 -16.89 13.29 24.84
N ILE A 206 -17.23 12.24 25.58
CA ILE A 206 -18.62 11.85 25.78
C ILE A 206 -19.49 12.96 26.37
N ARG A 207 -19.12 13.47 27.56
CA ARG A 207 -19.74 14.67 28.09
C ARG A 207 -19.37 15.78 27.13
N MET A 208 -20.28 16.12 26.22
CA MET A 208 -19.98 17.14 25.21
C MET A 208 -19.66 18.45 25.93
N GLN A 209 -18.44 18.53 26.47
CA GLN A 209 -18.06 19.56 27.44
C GLN A 209 -17.39 20.76 26.80
N ASP A 210 -16.10 20.70 26.48
CA ASP A 210 -15.44 21.90 25.92
C ASP A 210 -15.36 21.94 24.38
N LYS A 211 -14.62 22.92 23.84
CA LYS A 211 -14.57 23.12 22.38
C LYS A 211 -13.93 21.92 21.67
N ASN A 212 -12.72 21.55 22.12
CA ASN A 212 -12.00 20.43 21.53
C ASN A 212 -11.62 19.38 22.57
N PRO A 213 -12.46 18.33 22.72
CA PRO A 213 -12.17 17.18 23.58
C PRO A 213 -11.09 16.26 22.98
N TYR A 214 -10.92 16.38 21.67
CA TYR A 214 -10.10 15.49 20.90
C TYR A 214 -8.61 15.71 21.11
N SER A 215 -7.98 14.76 21.78
CA SER A 215 -6.53 14.74 21.83
C SER A 215 -6.06 13.40 21.28
N PHE A 216 -4.74 13.21 21.20
CA PHE A 216 -4.22 11.89 20.93
C PHE A 216 -4.82 10.90 21.91
N GLN A 217 -4.84 11.27 23.19
CA GLN A 217 -5.40 10.40 24.23
C GLN A 217 -6.89 10.10 24.06
N SER A 218 -7.65 10.96 23.39
CA SER A 218 -9.03 10.63 23.10
C SER A 218 -9.04 9.39 22.19
N ASP A 219 -8.11 9.37 21.24
CA ASP A 219 -7.94 8.29 20.29
C ASP A 219 -7.45 7.03 20.98
N VAL A 220 -6.46 7.20 21.87
CA VAL A 220 -5.95 6.12 22.70
C VAL A 220 -7.09 5.41 23.40
N TYR A 221 -7.96 6.18 24.06
CA TYR A 221 -9.09 5.57 24.76
C TYR A 221 -9.92 4.73 23.79
N ALA A 222 -10.22 5.28 22.61
CA ALA A 222 -11.00 4.55 21.61
C ALA A 222 -10.31 3.24 21.28
N PHE A 223 -8.99 3.31 21.08
CA PHE A 223 -8.19 2.12 20.89
C PHE A 223 -8.48 1.09 21.98
N GLY A 224 -8.32 1.52 23.24
CA GLY A 224 -8.66 0.72 24.41
C GLY A 224 -9.96 -0.03 24.25
N ILE A 225 -11.01 0.68 23.86
CA ILE A 225 -12.30 0.05 23.60
C ILE A 225 -12.16 -1.03 22.52
N VAL A 226 -11.41 -0.75 21.46
CA VAL A 226 -11.26 -1.80 20.43
C VAL A 226 -10.45 -3.00 20.96
N LEU A 227 -9.54 -2.76 21.90
CA LEU A 227 -8.80 -3.85 22.52
C LEU A 227 -9.78 -4.74 23.24
N TYR A 228 -10.56 -4.12 24.10
CA TYR A 228 -11.65 -4.80 24.78
C TYR A 228 -12.53 -5.54 23.77
N GLU A 229 -12.72 -4.96 22.58
CA GLU A 229 -13.54 -5.60 21.53
C GLU A 229 -12.95 -6.93 21.11
N LEU A 230 -11.64 -6.92 20.86
CA LEU A 230 -10.95 -8.09 20.37
C LEU A 230 -10.93 -9.13 21.48
N MET A 231 -10.56 -8.67 22.67
CA MET A 231 -10.27 -9.58 23.77
C MET A 231 -11.53 -10.19 24.39
N THR A 232 -12.69 -9.74 23.94
CA THR A 232 -13.93 -10.26 24.47
C THR A 232 -14.92 -10.50 23.36
N GLY A 233 -14.52 -10.21 22.13
CA GLY A 233 -15.43 -10.35 20.98
C GLY A 233 -16.82 -9.80 21.25
N GLN A 234 -16.87 -8.65 21.92
CA GLN A 234 -18.14 -8.05 22.34
C GLN A 234 -18.07 -6.53 22.44
N LEU A 235 -19.19 -5.87 22.14
CA LEU A 235 -19.35 -4.44 22.45
C LEU A 235 -19.52 -4.26 23.97
N PRO A 236 -18.97 -3.17 24.56
CA PRO A 236 -19.13 -2.96 26.00
C PRO A 236 -20.54 -2.56 26.41
N TYR A 237 -20.83 -2.71 27.69
CA TYR A 237 -22.10 -2.27 28.29
C TYR A 237 -23.35 -2.89 27.65
N SER A 238 -23.22 -4.12 27.15
CA SER A 238 -24.32 -4.76 26.45
C SER A 238 -25.50 -5.15 27.35
N ASN A 239 -25.39 -4.87 28.65
CA ASN A 239 -26.45 -5.19 29.61
C ASN A 239 -27.16 -3.95 30.10
N ILE A 240 -26.96 -2.85 29.38
CA ILE A 240 -27.69 -1.61 29.62
C ILE A 240 -28.40 -1.17 28.35
N ASN A 241 -29.73 -1.08 28.41
CA ASN A 241 -30.54 -0.75 27.23
C ASN A 241 -30.88 0.75 27.07
N ASN A 242 -30.14 1.61 27.77
CA ASN A 242 -30.45 3.03 27.75
C ASN A 242 -29.23 3.92 27.43
N ARG A 243 -29.08 4.22 26.14
CA ARG A 243 -27.97 5.02 25.62
C ARG A 243 -27.66 6.25 26.46
N ASP A 244 -28.67 7.05 26.77
CA ASP A 244 -28.45 8.25 27.56
C ASP A 244 -27.82 7.91 28.90
N GLN A 245 -28.27 6.81 29.50
CA GLN A 245 -27.68 6.35 30.76
C GLN A 245 -26.20 5.99 30.57
N ILE A 246 -25.90 5.27 29.50
CA ILE A 246 -24.52 4.97 29.20
C ILE A 246 -23.78 6.27 29.09
N ILE A 247 -24.25 7.14 28.18
CA ILE A 247 -23.68 8.48 28.00
C ILE A 247 -23.43 9.23 29.32
N PHE A 248 -24.43 9.23 30.19
CA PHE A 248 -24.33 9.96 31.46
C PHE A 248 -23.23 9.40 32.32
N MET A 249 -23.19 8.08 32.40
CA MET A 249 -22.33 7.44 33.34
C MET A 249 -20.88 7.47 32.89
N VAL A 250 -20.67 7.16 31.61
CA VAL A 250 -19.33 7.11 31.03
C VAL A 250 -18.64 8.45 31.26
N GLY A 251 -19.34 9.53 30.93
CA GLY A 251 -18.83 10.88 31.10
C GLY A 251 -18.57 11.25 32.55
N ARG A 252 -19.24 10.57 33.47
CA ARG A 252 -19.03 10.83 34.89
C ARG A 252 -18.04 9.84 35.55
N GLY A 253 -17.66 8.81 34.81
CA GLY A 253 -16.73 7.81 35.31
C GLY A 253 -17.34 6.83 36.30
N TYR A 254 -18.65 6.65 36.21
CA TYR A 254 -19.33 5.69 37.05
C TYR A 254 -19.43 4.35 36.32
N LEU A 255 -19.56 4.40 34.99
CA LEU A 255 -19.57 3.21 34.15
C LEU A 255 -18.29 3.18 33.36
N SER A 256 -17.72 1.99 33.23
CA SER A 256 -16.56 1.77 32.39
C SER A 256 -16.56 0.32 31.94
N PRO A 257 -15.77 -0.03 30.91
CA PRO A 257 -15.95 -1.36 30.37
C PRO A 257 -15.49 -2.40 31.38
N ASP A 258 -16.09 -3.59 31.30
CA ASP A 258 -15.87 -4.68 32.27
C ASP A 258 -14.68 -5.56 31.92
N LEU A 259 -13.51 -5.19 32.44
CA LEU A 259 -12.27 -5.80 32.01
C LEU A 259 -12.15 -7.28 32.34
N SER A 260 -13.14 -7.83 33.03
CA SER A 260 -13.06 -9.21 33.47
C SER A 260 -13.84 -10.15 32.55
N LYS A 261 -14.19 -9.65 31.37
CA LYS A 261 -14.85 -10.46 30.36
C LYS A 261 -13.86 -10.91 29.28
N VAL A 262 -12.59 -10.56 29.47
CA VAL A 262 -11.52 -11.06 28.61
C VAL A 262 -11.45 -12.57 28.76
N ARG A 263 -11.21 -13.26 27.64
CA ARG A 263 -11.10 -14.73 27.66
C ARG A 263 -9.76 -15.19 28.29
N SER A 264 -9.76 -16.40 28.86
CA SER A 264 -8.64 -16.89 29.68
C SER A 264 -7.28 -16.90 28.95
N ASN A 265 -7.29 -17.37 27.69
CA ASN A 265 -6.07 -17.42 26.87
C ASN A 265 -5.51 -16.04 26.50
N CYS A 266 -6.15 -14.98 27.01
CA CYS A 266 -5.67 -13.61 26.85
C CYS A 266 -4.64 -13.31 27.96
N PRO A 267 -3.43 -12.81 27.59
CA PRO A 267 -2.32 -12.61 28.53
C PRO A 267 -2.60 -11.52 29.56
N LYS A 268 -2.17 -11.77 30.80
CA LYS A 268 -2.36 -10.84 31.92
C LYS A 268 -2.01 -9.38 31.54
N ALA A 269 -0.90 -9.20 30.84
CA ALA A 269 -0.40 -7.87 30.47
C ALA A 269 -1.31 -7.08 29.51
N MET A 270 -2.28 -7.77 28.91
CA MET A 270 -3.26 -7.19 27.97
C MET A 270 -4.35 -6.44 28.73
N LYS A 271 -4.79 -7.07 29.81
CA LYS A 271 -5.68 -6.48 30.76
C LYS A 271 -5.04 -5.21 31.32
N ARG A 272 -3.73 -5.27 31.58
CA ARG A 272 -3.01 -4.15 32.19
C ARG A 272 -2.98 -2.95 31.25
N LEU A 273 -2.91 -3.21 29.95
CA LEU A 273 -2.81 -2.15 28.95
C LEU A 273 -4.17 -1.58 28.64
N MET A 274 -5.16 -2.45 28.52
CA MET A 274 -6.51 -1.99 28.31
C MET A 274 -6.82 -0.96 29.38
N ALA A 275 -6.65 -1.38 30.63
CA ALA A 275 -6.87 -0.53 31.78
C ALA A 275 -6.14 0.82 31.69
N GLU A 276 -4.97 0.80 31.06
CA GLU A 276 -4.14 1.98 30.89
C GLU A 276 -4.70 2.95 29.84
N CYS A 277 -5.27 2.39 28.79
CA CYS A 277 -5.80 3.20 27.71
C CYS A 277 -7.16 3.71 28.10
N LEU A 278 -7.83 2.93 28.95
CA LEU A 278 -9.21 3.21 29.32
C LEU A 278 -9.35 4.19 30.49
N LYS A 279 -8.22 4.66 31.01
CA LYS A 279 -8.17 5.55 32.16
C LYS A 279 -9.09 6.74 31.98
N LYS A 280 -9.92 7.03 32.98
CA LYS A 280 -10.90 8.14 32.88
C LYS A 280 -10.25 9.53 32.76
N LYS A 281 -9.23 9.82 33.57
CA LYS A 281 -8.44 11.03 33.33
C LYS A 281 -7.54 10.78 32.12
N ARG A 282 -7.51 11.74 31.19
CA ARG A 282 -6.83 11.48 29.92
C ARG A 282 -5.31 11.37 30.00
N ASP A 283 -4.69 12.15 30.89
CA ASP A 283 -3.23 12.19 30.98
C ASP A 283 -2.67 10.96 31.65
N GLU A 284 -3.56 10.08 32.10
CA GLU A 284 -3.09 8.80 32.61
C GLU A 284 -2.96 7.79 31.46
N ARG A 285 -3.51 8.12 30.30
CA ARG A 285 -3.44 7.24 29.15
C ARG A 285 -2.06 7.34 28.51
N PRO A 286 -1.46 6.19 28.13
CA PRO A 286 -0.21 6.22 27.41
C PRO A 286 -0.41 6.74 25.98
N LEU A 287 0.65 7.27 25.37
CA LEU A 287 0.62 7.58 23.95
C LEU A 287 1.03 6.33 23.19
N PHE A 288 0.83 6.34 21.87
CA PHE A 288 0.91 5.12 21.06
C PHE A 288 2.25 4.41 21.00
N PRO A 289 3.36 5.16 20.85
CA PRO A 289 4.68 4.53 20.83
C PRO A 289 4.91 3.65 22.06
N GLN A 290 4.49 4.16 23.21
CA GLN A 290 4.57 3.44 24.45
C GLN A 290 3.62 2.23 24.44
N ILE A 291 2.39 2.43 23.93
CA ILE A 291 1.41 1.36 23.77
C ILE A 291 1.95 0.29 22.84
N LEU A 292 2.42 0.73 21.68
CA LEU A 292 3.03 -0.14 20.70
C LEU A 292 4.02 -1.10 21.35
N ALA A 293 4.97 -0.52 22.09
CA ALA A 293 6.00 -1.25 22.85
C ALA A 293 5.44 -2.40 23.69
N SER A 294 4.39 -2.12 24.45
CA SER A 294 3.75 -3.12 25.28
C SER A 294 3.15 -4.23 24.43
N ILE A 295 2.55 -3.87 23.29
CA ILE A 295 1.89 -4.83 22.42
C ILE A 295 2.89 -5.75 21.76
N GLU A 296 4.10 -5.23 21.51
CA GLU A 296 5.16 -6.05 20.96
C GLU A 296 5.80 -6.96 22.00
N LEU A 297 6.22 -6.37 23.12
CA LEU A 297 6.83 -7.14 24.20
C LEU A 297 5.96 -8.36 24.58
N LEU A 298 4.68 -8.10 24.84
CA LEU A 298 3.75 -9.15 25.25
C LEU A 298 3.44 -10.13 24.12
N ALA A 299 3.70 -9.72 22.87
CA ALA A 299 3.40 -10.57 21.73
C ALA A 299 4.37 -11.73 21.64
N ARG A 300 5.67 -11.45 21.78
CA ARG A 300 6.69 -12.49 21.67
C ARG A 300 7.07 -13.12 23.02
N SER A 301 6.03 -13.33 23.83
CA SER A 301 6.09 -14.11 25.06
C SER A 301 4.91 -15.06 25.05
N LEU A 302 4.11 -14.97 24.00
CA LEU A 302 2.88 -15.72 23.87
C LEU A 302 3.04 -17.15 23.30
N PRO A 303 3.53 -17.28 22.02
CA PRO A 303 3.50 -18.64 21.41
C PRO A 303 4.73 -19.48 21.80
N LYS A 304 5.70 -18.82 22.44
CA LYS A 304 6.92 -19.43 22.98
C LYS A 304 6.61 -20.18 24.28
N ASP B 29 2.90 17.79 4.65
CA ASP B 29 3.31 17.41 3.26
C ASP B 29 4.76 16.81 3.16
N ASP B 30 5.75 17.64 2.77
CA ASP B 30 7.11 17.17 2.45
C ASP B 30 7.70 16.03 3.32
N TRP B 31 8.25 15.03 2.63
CA TRP B 31 8.44 13.67 3.15
C TRP B 31 9.77 13.34 3.78
N GLU B 32 10.66 14.33 3.85
CA GLU B 32 11.96 14.13 4.48
C GLU B 32 11.82 13.59 5.90
N ILE B 33 12.47 12.45 6.15
CA ILE B 33 12.48 11.84 7.47
C ILE B 33 13.73 12.28 8.24
N PRO B 34 13.54 13.04 9.35
CA PRO B 34 14.64 13.58 10.13
C PRO B 34 15.53 12.49 10.73
N ASP B 35 16.80 12.83 10.89
CA ASP B 35 17.87 11.88 11.18
C ASP B 35 17.56 10.87 12.28
N GLY B 36 18.16 9.69 12.15
CA GLY B 36 18.21 8.71 13.21
C GLY B 36 16.86 8.17 13.66
N GLN B 37 15.78 8.60 13.00
CA GLN B 37 14.45 8.01 13.23
C GLN B 37 14.34 6.59 12.73
N ILE B 38 15.00 6.30 11.61
CA ILE B 38 14.98 5.01 10.94
C ILE B 38 15.96 4.02 11.56
N THR B 39 15.57 2.75 11.66
CA THR B 39 16.48 1.73 12.14
C THR B 39 16.83 0.78 11.03
N VAL B 40 18.08 0.84 10.62
CA VAL B 40 18.63 -0.05 9.63
C VAL B 40 18.88 -1.43 10.28
N GLY B 41 18.79 -2.49 9.49
CA GLY B 41 18.97 -3.82 10.02
C GLY B 41 19.69 -4.71 9.04
N GLN B 42 19.09 -5.88 8.77
CA GLN B 42 19.52 -6.80 7.71
C GLN B 42 19.97 -6.13 6.43
N ARG B 43 21.13 -6.52 5.93
CA ARG B 43 21.58 -6.10 4.60
C ARG B 43 20.92 -7.03 3.60
N ILE B 44 20.34 -6.49 2.54
CA ILE B 44 19.78 -7.36 1.50
C ILE B 44 20.25 -7.01 0.09
N GLY B 45 20.30 -5.71 -0.20
CA GLY B 45 20.72 -5.24 -1.52
C GLY B 45 22.21 -5.36 -1.68
N SER B 46 22.66 -6.16 -2.63
CA SER B 46 24.07 -6.20 -2.98
C SER B 46 24.41 -4.83 -3.58
N GLY B 47 24.40 -4.71 -4.91
CA GLY B 47 24.38 -3.43 -5.64
C GLY B 47 25.40 -2.33 -5.35
N SER B 48 26.05 -1.82 -6.40
CA SER B 48 27.08 -0.80 -6.23
C SER B 48 26.50 0.62 -6.24
N PHE B 49 25.22 0.73 -6.58
CA PHE B 49 24.53 2.02 -6.43
C PHE B 49 23.80 2.10 -5.10
N GLY B 50 24.46 1.68 -4.03
CA GLY B 50 23.81 1.68 -2.73
C GLY B 50 23.12 0.39 -2.32
N THR B 51 22.66 0.36 -1.08
CA THR B 51 22.17 -0.86 -0.47
C THR B 51 20.74 -0.77 0.04
N VAL B 52 20.00 -1.84 -0.23
CA VAL B 52 18.69 -2.04 0.34
C VAL B 52 18.87 -2.76 1.68
N TYR B 53 18.28 -2.20 2.72
CA TYR B 53 18.23 -2.82 4.04
C TYR B 53 16.78 -2.97 4.50
N LYS B 54 16.50 -4.08 5.18
CA LYS B 54 15.25 -4.19 5.92
C LYS B 54 15.38 -3.28 7.14
N GLY B 55 14.44 -2.37 7.28
CA GLY B 55 14.53 -1.34 8.29
C GLY B 55 13.41 -1.40 9.29
N LYS B 56 13.32 -0.37 10.12
CA LYS B 56 12.22 -0.14 11.05
C LYS B 56 12.02 1.36 11.16
N TRP B 57 10.81 1.79 10.83
CA TRP B 57 10.37 3.18 10.95
C TRP B 57 8.87 3.09 10.85
N HIS B 58 8.17 3.34 11.95
CA HIS B 58 6.73 3.08 12.03
C HIS B 58 6.39 1.69 11.52
N GLY B 59 7.17 0.71 11.94
CA GLY B 59 6.98 -0.66 11.50
C GLY B 59 8.05 -1.02 10.49
N ASP B 60 7.96 -2.25 9.98
CA ASP B 60 8.88 -2.77 8.98
C ASP B 60 8.95 -1.90 7.74
N VAL B 61 10.16 -1.50 7.36
CA VAL B 61 10.35 -0.78 6.10
C VAL B 61 11.46 -1.37 5.23
N ALA B 62 11.62 -0.82 4.04
CA ALA B 62 12.76 -1.09 3.19
C ALA B 62 13.45 0.24 3.04
N VAL B 63 14.75 0.26 3.33
CA VAL B 63 15.54 1.46 3.14
C VAL B 63 16.63 1.20 2.13
N LYS B 64 16.62 1.97 1.05
CA LYS B 64 17.66 1.86 0.04
C LYS B 64 18.56 3.07 0.20
N MET B 65 19.81 2.85 0.59
CA MET B 65 20.76 3.93 0.79
C MET B 65 21.71 4.08 -0.38
N LEU B 66 21.66 5.23 -1.06
CA LEU B 66 22.40 5.46 -2.32
C LEU B 66 23.95 5.33 -2.23
N ASN B 67 24.47 5.38 -1.00
CA ASN B 67 25.93 5.47 -0.70
C ASN B 67 26.94 5.81 -1.82
N VAL B 68 26.53 6.75 -2.68
CA VAL B 68 27.47 7.62 -3.36
C VAL B 68 27.94 8.59 -2.26
N THR B 69 29.17 8.35 -1.81
CA THR B 69 29.73 8.94 -0.58
C THR B 69 29.69 10.49 -0.48
N ALA B 70 28.60 10.99 0.10
CA ALA B 70 28.36 12.43 0.36
C ALA B 70 28.38 13.38 -0.85
N PRO B 71 27.19 13.84 -1.28
CA PRO B 71 27.06 14.96 -2.22
C PRO B 71 27.67 16.17 -1.52
N THR B 72 27.96 17.30 -2.17
CA THR B 72 27.64 17.71 -3.57
C THR B 72 26.24 18.28 -3.76
N PRO B 73 25.95 19.41 -3.09
CA PRO B 73 24.96 20.26 -3.75
C PRO B 73 25.59 20.63 -5.09
N GLN B 74 24.85 20.49 -6.18
CA GLN B 74 23.50 19.99 -6.09
C GLN B 74 23.26 18.79 -7.01
N GLN B 75 23.82 17.66 -6.59
CA GLN B 75 23.30 16.34 -6.90
C GLN B 75 22.07 16.20 -5.99
N LEU B 76 22.28 16.59 -4.73
CA LEU B 76 21.27 16.72 -3.68
C LEU B 76 19.97 17.29 -4.20
N GLN B 77 20.05 18.43 -4.87
CA GLN B 77 18.85 19.07 -5.40
C GLN B 77 18.14 18.18 -6.41
N ALA B 78 18.89 17.61 -7.35
CA ALA B 78 18.33 16.68 -8.31
C ALA B 78 17.74 15.44 -7.61
N PHE B 79 18.43 14.92 -6.59
CA PHE B 79 17.92 13.82 -5.77
C PHE B 79 16.49 14.09 -5.29
N LYS B 80 16.30 15.26 -4.70
CA LYS B 80 15.02 15.73 -4.23
C LYS B 80 13.98 15.71 -5.35
N ASN B 81 14.41 16.07 -6.56
CA ASN B 81 13.51 16.04 -7.72
C ASN B 81 12.94 14.65 -7.94
N GLU B 82 13.81 13.65 -7.78
CA GLU B 82 13.51 12.24 -8.06
C GLU B 82 12.40 11.72 -7.16
N VAL B 83 12.36 12.27 -5.95
CA VAL B 83 11.28 12.05 -5.00
C VAL B 83 9.97 12.63 -5.57
N GLY B 84 10.06 13.79 -6.18
CA GLY B 84 8.91 14.37 -6.86
C GLY B 84 8.21 13.34 -7.73
N VAL B 85 9.01 12.50 -8.39
CA VAL B 85 8.46 11.44 -9.23
C VAL B 85 7.76 10.41 -8.33
N LEU B 86 8.48 9.95 -7.31
CA LEU B 86 7.98 8.93 -6.39
C LEU B 86 6.66 9.30 -5.73
N ARG B 87 6.57 10.55 -5.23
CA ARG B 87 5.32 11.05 -4.62
C ARG B 87 4.13 10.99 -5.59
N LYS B 88 4.37 10.97 -6.89
CA LYS B 88 3.27 10.97 -7.84
C LYS B 88 2.49 9.66 -7.80
N THR B 89 3.04 8.66 -7.11
CA THR B 89 2.47 7.29 -7.13
C THR B 89 1.62 6.91 -5.90
N ARG B 90 0.42 6.41 -6.17
CA ARG B 90 -0.50 5.99 -5.13
C ARG B 90 -1.37 4.89 -5.64
N HIS B 91 -0.79 3.72 -5.79
CA HIS B 91 -1.53 2.56 -6.30
C HIS B 91 -1.13 1.29 -5.56
N VAL B 92 -2.13 0.44 -5.36
CA VAL B 92 -1.97 -0.83 -4.67
C VAL B 92 -0.87 -1.70 -5.30
N ASN B 93 -0.73 -1.64 -6.62
CA ASN B 93 0.28 -2.42 -7.32
C ASN B 93 1.61 -1.69 -7.54
N ILE B 94 1.74 -0.51 -6.98
CA ILE B 94 3.02 0.20 -7.00
C ILE B 94 3.59 0.19 -5.59
N LEU B 95 4.84 -0.27 -5.46
CA LEU B 95 5.47 -0.34 -4.14
C LEU B 95 5.33 1.02 -3.48
N LEU B 96 4.63 1.03 -2.35
CA LEU B 96 4.39 2.24 -1.59
C LEU B 96 5.67 2.95 -1.17
N PHE B 97 5.87 4.14 -1.71
CA PHE B 97 6.91 5.05 -1.25
C PHE B 97 6.48 5.59 0.11
N MET B 98 7.36 5.55 1.10
CA MET B 98 6.97 6.03 2.43
C MET B 98 7.67 7.32 2.85
N GLY B 99 8.82 7.60 2.24
CA GLY B 99 9.59 8.80 2.56
C GLY B 99 11.04 8.66 2.13
N TYR B 100 11.82 9.70 2.41
CA TYR B 100 13.23 9.74 2.02
C TYR B 100 14.12 10.39 3.08
N SER B 101 15.37 9.98 3.17
CA SER B 101 16.33 10.58 4.08
C SER B 101 17.46 11.21 3.28
N THR B 102 18.07 12.24 3.84
CA THR B 102 19.33 12.74 3.29
C THR B 102 20.29 12.72 4.45
N LYS B 103 19.71 12.81 5.64
CA LYS B 103 20.44 13.18 6.85
C LYS B 103 21.74 12.38 7.13
N PRO B 104 21.66 11.04 7.42
CA PRO B 104 22.94 10.32 7.55
C PRO B 104 23.58 10.09 6.17
N GLN B 105 22.93 9.25 5.34
CA GLN B 105 23.18 9.16 3.89
C GLN B 105 21.87 9.50 3.16
N LEU B 106 21.94 9.67 1.84
CA LEU B 106 20.74 9.78 1.02
C LEU B 106 20.04 8.43 1.01
N ALA B 107 18.72 8.45 0.96
CA ALA B 107 17.91 7.23 1.16
C ALA B 107 16.50 7.31 0.59
N ILE B 108 15.95 6.16 0.21
CA ILE B 108 14.53 6.05 -0.09
C ILE B 108 13.96 4.94 0.76
N VAL B 109 12.83 5.24 1.40
CA VAL B 109 12.17 4.34 2.33
C VAL B 109 10.83 3.94 1.77
N THR B 110 10.60 2.64 1.74
CA THR B 110 9.34 2.08 1.25
C THR B 110 8.80 1.09 2.27
N GLN B 111 7.52 0.75 2.14
CA GLN B 111 6.97 -0.37 2.86
C GLN B 111 7.89 -1.56 2.71
N TRP B 112 8.02 -2.35 3.77
CA TRP B 112 8.63 -3.67 3.65
C TRP B 112 7.59 -4.68 3.17
N CYS B 113 7.91 -5.45 2.15
CA CYS B 113 7.00 -6.50 1.73
C CYS B 113 7.41 -7.82 2.36
N GLU B 114 6.46 -8.51 2.99
CA GLU B 114 6.73 -9.90 3.30
C GLU B 114 6.58 -10.73 2.02
N GLY B 115 7.12 -11.94 2.01
CA GLY B 115 7.17 -12.74 0.79
C GLY B 115 8.37 -12.38 -0.06
N SER B 116 8.41 -12.83 -1.31
CA SER B 116 9.60 -12.59 -2.13
C SER B 116 9.28 -12.01 -3.49
N SER B 117 10.32 -11.62 -4.23
CA SER B 117 10.14 -11.11 -5.59
C SER B 117 9.66 -12.21 -6.52
N LEU B 118 9.17 -11.82 -7.68
CA LEU B 118 8.70 -12.78 -8.68
C LEU B 118 9.87 -13.56 -9.27
N TYR B 119 11.04 -12.90 -9.36
CA TYR B 119 12.30 -13.55 -9.76
C TYR B 119 12.65 -14.67 -8.84
N HIS B 120 12.62 -14.37 -7.56
CA HIS B 120 12.94 -15.33 -6.54
C HIS B 120 12.01 -16.53 -6.56
N HIS B 121 10.73 -16.29 -6.79
CA HIS B 121 9.78 -17.38 -6.76
C HIS B 121 9.92 -18.26 -7.98
N LEU B 122 10.17 -17.64 -9.11
CA LEU B 122 10.18 -18.38 -10.37
C LEU B 122 11.44 -19.18 -10.58
N HIS B 123 12.57 -18.64 -10.09
CA HIS B 123 13.87 -19.09 -10.51
C HIS B 123 14.74 -19.56 -9.37
N ILE B 124 14.59 -18.98 -8.19
CA ILE B 124 15.33 -19.44 -7.04
C ILE B 124 14.61 -20.55 -6.27
N ILE B 125 13.45 -20.27 -5.67
CA ILE B 125 12.74 -21.30 -4.90
C ILE B 125 11.72 -22.11 -5.72
N GLU B 126 11.75 -21.91 -7.04
CA GLU B 126 10.96 -22.69 -8.00
C GLU B 126 9.51 -22.95 -7.63
N THR B 127 8.79 -21.91 -7.21
CA THR B 127 7.37 -22.05 -6.87
C THR B 127 6.53 -22.39 -8.09
N LYS B 128 5.80 -23.48 -8.05
CA LYS B 128 4.82 -23.78 -9.10
C LYS B 128 3.52 -23.04 -8.76
N PHE B 129 3.15 -22.06 -9.57
CA PHE B 129 1.92 -21.32 -9.31
C PHE B 129 0.79 -21.96 -10.05
N GLU B 130 -0.40 -21.87 -9.47
CA GLU B 130 -1.64 -22.25 -10.11
C GLU B 130 -1.80 -21.41 -11.37
N MET B 131 -2.37 -21.98 -12.42
CA MET B 131 -2.55 -21.23 -13.69
C MET B 131 -3.39 -19.95 -13.50
N ILE B 132 -4.44 -20.05 -12.68
CA ILE B 132 -5.24 -18.90 -12.26
C ILE B 132 -4.39 -17.83 -11.57
N LYS B 133 -3.56 -18.26 -10.63
CA LYS B 133 -2.70 -17.34 -9.90
C LYS B 133 -1.75 -16.60 -10.85
N LEU B 134 -1.15 -17.35 -11.79
CA LEU B 134 -0.14 -16.81 -12.72
C LEU B 134 -0.71 -15.70 -13.57
N ILE B 135 -1.89 -15.97 -14.12
CA ILE B 135 -2.61 -14.99 -14.90
C ILE B 135 -2.91 -13.80 -13.99
N ASP B 136 -3.32 -14.08 -12.76
CA ASP B 136 -3.55 -12.99 -11.83
C ASP B 136 -2.29 -12.13 -11.64
N ILE B 137 -1.14 -12.77 -11.41
CA ILE B 137 0.10 -12.01 -11.24
C ILE B 137 0.37 -11.13 -12.45
N ALA B 138 0.15 -11.67 -13.64
CA ALA B 138 0.22 -10.90 -14.88
C ALA B 138 -0.69 -9.66 -14.83
N ARG B 139 -1.98 -9.91 -14.59
CA ARG B 139 -2.99 -8.84 -14.50
C ARG B 139 -2.49 -7.69 -13.61
N GLN B 140 -2.16 -8.02 -12.37
CA GLN B 140 -1.72 -7.04 -11.42
C GLN B 140 -0.54 -6.31 -11.99
N THR B 141 0.42 -7.04 -12.52
CA THR B 141 1.62 -6.40 -13.01
C THR B 141 1.22 -5.45 -14.10
N ALA B 142 0.34 -5.92 -14.98
CA ALA B 142 -0.20 -5.08 -16.04
C ALA B 142 -0.95 -3.88 -15.48
N GLN B 143 -1.79 -4.14 -14.48
CA GLN B 143 -2.54 -3.11 -13.78
C GLN B 143 -1.67 -1.97 -13.27
N GLY B 144 -0.60 -2.34 -12.56
CA GLY B 144 0.29 -1.36 -11.96
C GLY B 144 1.00 -0.59 -13.02
N MET B 145 1.39 -1.30 -14.09
CA MET B 145 2.12 -0.69 -15.21
C MET B 145 1.27 0.36 -15.90
N ASP B 146 0.05 -0.04 -16.25
CA ASP B 146 -0.91 0.88 -16.80
C ASP B 146 -0.90 2.20 -16.03
N TYR B 147 -1.20 2.15 -14.73
CA TYR B 147 -1.13 3.30 -13.84
C TYR B 147 0.21 4.04 -14.00
N LEU B 148 1.31 3.33 -13.72
CA LEU B 148 2.64 3.92 -13.82
C LEU B 148 2.80 4.77 -15.08
N HIS B 149 2.25 4.27 -16.18
CA HIS B 149 2.28 4.96 -17.48
C HIS B 149 1.29 6.11 -17.53
N ALA B 150 0.09 5.85 -17.00
CA ALA B 150 -0.95 6.86 -16.98
C ALA B 150 -0.53 8.01 -16.05
N LYS B 151 0.65 7.91 -15.46
CA LYS B 151 1.21 9.07 -14.81
C LYS B 151 2.52 9.47 -15.45
N SER B 152 2.65 9.19 -16.74
CA SER B 152 3.85 9.52 -17.52
C SER B 152 5.18 9.19 -16.85
N ILE B 153 5.25 8.02 -16.22
CA ILE B 153 6.52 7.53 -15.69
C ILE B 153 6.82 6.25 -16.42
N ILE B 154 8.01 6.18 -17.00
CA ILE B 154 8.47 4.99 -17.68
C ILE B 154 9.34 4.24 -16.70
N HIS B 155 9.19 2.92 -16.67
CA HIS B 155 9.89 2.10 -15.70
C HIS B 155 11.35 2.01 -16.06
N ARG B 156 11.60 1.63 -17.32
CA ARG B 156 12.94 1.58 -17.87
C ARG B 156 13.67 0.31 -17.45
N ASP B 157 13.19 -0.33 -16.39
CA ASP B 157 13.77 -1.57 -15.89
C ASP B 157 12.70 -2.46 -15.27
N LEU B 158 11.70 -2.82 -16.05
CA LEU B 158 10.78 -3.83 -15.59
C LEU B 158 11.44 -5.18 -15.72
N LYS B 159 11.46 -5.94 -14.63
CA LYS B 159 11.77 -7.35 -14.68
C LYS B 159 11.12 -8.04 -13.50
N SER B 160 11.26 -9.35 -13.40
CA SER B 160 10.62 -10.10 -12.32
C SER B 160 11.27 -9.95 -10.94
N ASN B 161 12.34 -9.19 -10.83
CA ASN B 161 12.98 -8.96 -9.52
C ASN B 161 12.46 -7.66 -8.97
N ASN B 162 11.83 -6.90 -9.84
CA ASN B 162 11.24 -5.64 -9.45
C ASN B 162 9.75 -5.79 -9.35
N ILE B 163 9.27 -7.02 -9.47
CA ILE B 163 7.88 -7.32 -9.23
C ILE B 163 7.85 -8.11 -7.96
N PHE B 164 7.30 -7.50 -6.92
CA PHE B 164 7.33 -8.12 -5.62
C PHE B 164 5.96 -8.67 -5.20
N LEU B 165 5.95 -9.90 -4.71
CA LEU B 165 4.72 -10.52 -4.25
C LEU B 165 4.54 -10.32 -2.76
N HIS B 166 3.92 -9.22 -2.36
CA HIS B 166 3.63 -8.99 -0.95
C HIS B 166 2.55 -9.97 -0.48
N GLU B 167 2.78 -10.58 0.69
CA GLU B 167 1.92 -11.64 1.25
C GLU B 167 1.61 -12.78 0.26
N ASP B 168 2.52 -12.98 -0.70
CA ASP B 168 2.37 -13.95 -1.81
C ASP B 168 1.18 -13.76 -2.76
N LEU B 169 0.51 -12.61 -2.73
CA LEU B 169 -0.69 -12.44 -3.56
C LEU B 169 -0.97 -11.01 -4.05
N THR B 170 -0.03 -10.10 -3.82
CA THR B 170 -0.20 -8.77 -4.34
C THR B 170 1.11 -8.34 -4.93
N VAL B 171 1.04 -7.92 -6.18
CA VAL B 171 2.21 -7.49 -6.88
C VAL B 171 2.46 -6.03 -6.51
N LYS B 172 3.68 -5.74 -6.07
CA LYS B 172 4.13 -4.36 -5.90
C LYS B 172 5.32 -4.13 -6.79
N ILE B 173 5.13 -3.34 -7.85
CA ILE B 173 6.22 -2.98 -8.77
C ILE B 173 7.11 -1.93 -8.15
N GLY B 174 8.40 -2.22 -8.07
CA GLY B 174 9.35 -1.26 -7.56
C GLY B 174 10.55 -0.99 -8.48
N ASP B 175 11.54 -0.31 -7.92
CA ASP B 175 12.79 0.03 -8.58
C ASP B 175 12.66 0.79 -9.87
N PHE B 176 11.64 1.64 -9.99
CA PHE B 176 11.54 2.50 -11.17
C PHE B 176 11.99 3.93 -10.86
N GLY B 177 12.55 4.11 -9.67
CA GLY B 177 12.75 5.43 -9.11
C GLY B 177 13.77 6.32 -9.78
N LEU B 178 14.96 6.34 -9.21
CA LEU B 178 15.94 7.39 -9.42
C LEU B 178 16.53 7.34 -10.82
N ALA B 179 15.66 7.45 -11.83
CA ALA B 179 16.06 7.36 -13.24
C ALA B 179 17.22 8.31 -13.59
N THR B 180 16.98 9.62 -13.51
CA THR B 180 17.96 10.64 -13.88
C THR B 180 19.23 10.57 -13.05
N VAL B 181 19.06 10.41 -11.75
CA VAL B 181 20.21 10.34 -10.85
C VAL B 181 21.14 9.17 -11.17
N LYS B 182 20.54 8.02 -11.48
CA LYS B 182 21.27 6.82 -11.90
C LYS B 182 21.98 7.06 -13.23
N SER B 183 21.23 7.65 -14.17
CA SER B 183 21.67 8.01 -15.54
C SER B 183 22.84 8.97 -15.60
N ARG B 184 23.30 9.45 -14.45
CA ARG B 184 24.19 10.60 -14.43
C ARG B 184 25.04 10.73 -13.17
N TRP B 185 25.53 9.62 -12.62
CA TRP B 185 26.55 9.72 -11.58
C TRP B 185 27.67 8.73 -11.87
N SER B 186 28.89 9.10 -11.51
CA SER B 186 30.05 8.25 -11.80
C SER B 186 29.96 6.88 -11.10
N GLY B 187 30.00 5.80 -11.89
CA GLY B 187 30.07 4.44 -11.35
C GLY B 187 29.67 3.32 -12.27
N SER B 188 29.93 2.10 -11.81
CA SER B 188 29.62 0.86 -12.53
C SER B 188 28.17 0.40 -12.35
N HIS B 189 27.40 1.15 -11.57
CA HIS B 189 25.96 0.95 -11.44
C HIS B 189 25.29 1.25 -12.79
N GLN B 190 25.88 2.21 -13.49
CA GLN B 190 25.53 2.59 -14.86
C GLN B 190 25.73 1.40 -15.83
N PHE B 191 26.74 0.57 -15.56
CA PHE B 191 27.02 -0.64 -16.36
C PHE B 191 26.22 -1.85 -15.90
N GLU B 192 26.46 -2.30 -14.67
CA GLU B 192 25.86 -3.51 -14.11
C GLU B 192 24.37 -3.66 -14.39
N GLN B 193 23.63 -2.58 -14.22
CA GLN B 193 22.17 -2.67 -14.30
C GLN B 193 21.67 -2.63 -15.72
N LEU B 194 22.55 -2.30 -16.65
CA LEU B 194 22.29 -2.53 -18.05
C LEU B 194 22.45 -4.01 -18.34
N SER B 195 23.58 -4.58 -17.92
CA SER B 195 23.87 -6.00 -18.08
C SER B 195 22.86 -6.81 -17.32
N GLY B 196 22.39 -6.22 -16.23
CA GLY B 196 21.51 -6.88 -15.29
C GLY B 196 20.16 -7.24 -15.85
N SER B 197 19.87 -6.73 -17.04
CA SER B 197 18.54 -6.90 -17.62
C SER B 197 18.57 -6.94 -19.14
N ILE B 198 19.65 -7.51 -19.68
CA ILE B 198 19.73 -7.65 -21.14
C ILE B 198 18.54 -8.48 -21.62
N LEU B 199 18.18 -9.52 -20.87
CA LEU B 199 17.09 -10.40 -21.23
C LEU B 199 15.74 -9.70 -21.43
N TRP B 200 15.52 -8.64 -20.67
CA TRP B 200 14.25 -7.91 -20.72
C TRP B 200 14.29 -6.74 -21.69
N MET B 201 15.49 -6.35 -22.12
CA MET B 201 15.64 -5.25 -23.05
C MET B 201 14.95 -5.53 -24.37
N ALA B 202 14.16 -4.58 -24.83
CA ALA B 202 13.69 -4.59 -26.20
C ALA B 202 14.87 -4.36 -27.12
N PRO B 203 14.78 -4.89 -28.36
CA PRO B 203 15.77 -4.59 -29.41
C PRO B 203 16.11 -3.10 -29.52
N GLU B 204 15.09 -2.23 -29.63
CA GLU B 204 15.28 -0.78 -29.74
C GLU B 204 16.28 -0.29 -28.72
N VAL B 205 16.17 -0.85 -27.53
CA VAL B 205 17.00 -0.52 -26.37
C VAL B 205 18.39 -1.16 -26.51
N ILE B 206 18.43 -2.41 -26.97
CA ILE B 206 19.66 -3.19 -27.05
C ILE B 206 20.69 -2.52 -27.96
N ARG B 207 20.27 -2.16 -29.16
CA ARG B 207 21.10 -1.33 -30.04
C ARG B 207 20.95 0.11 -29.59
N MET B 208 21.98 0.64 -28.96
CA MET B 208 21.95 2.02 -28.47
C MET B 208 21.98 3.01 -29.66
N GLN B 209 20.98 2.89 -30.52
CA GLN B 209 20.91 3.64 -31.77
C GLN B 209 20.87 5.17 -31.58
N ASP B 210 20.26 5.62 -30.48
CA ASP B 210 20.28 7.06 -30.12
C ASP B 210 20.28 7.31 -28.59
N LYS B 211 20.09 8.58 -28.22
CA LYS B 211 20.00 9.01 -26.81
C LYS B 211 18.78 8.41 -26.06
N ASN B 212 17.59 8.43 -26.69
CA ASN B 212 16.40 7.91 -26.02
C ASN B 212 15.53 6.84 -26.73
N PRO B 213 15.89 5.54 -26.53
CA PRO B 213 15.18 4.38 -27.06
C PRO B 213 14.05 3.85 -26.15
N TYR B 214 14.03 4.34 -24.91
CA TYR B 214 13.11 3.88 -23.85
C TYR B 214 11.71 4.42 -23.95
N SER B 215 10.72 3.55 -24.07
CA SER B 215 9.34 4.01 -24.28
C SER B 215 8.32 3.23 -23.47
N PHE B 216 7.09 3.72 -23.46
CA PHE B 216 5.95 2.93 -23.03
C PHE B 216 6.07 1.53 -23.63
N GLN B 217 6.53 1.45 -24.88
CA GLN B 217 6.62 0.18 -25.62
C GLN B 217 7.77 -0.73 -25.18
N SER B 218 8.89 -0.12 -24.80
CA SER B 218 10.02 -0.90 -24.34
C SER B 218 9.61 -1.53 -23.03
N ASP B 219 8.77 -0.82 -22.28
CA ASP B 219 8.19 -1.36 -21.07
C ASP B 219 7.28 -2.52 -21.45
N VAL B 220 6.47 -2.33 -22.48
CA VAL B 220 5.57 -3.39 -22.90
C VAL B 220 6.36 -4.66 -23.24
N TYR B 221 7.47 -4.50 -23.98
CA TYR B 221 8.38 -5.61 -24.31
C TYR B 221 8.88 -6.36 -23.08
N ALA B 222 9.44 -5.63 -22.12
CA ALA B 222 9.90 -6.24 -20.87
C ALA B 222 8.75 -7.00 -20.19
N PHE B 223 7.59 -6.37 -20.14
CA PHE B 223 6.40 -7.02 -19.64
C PHE B 223 6.16 -8.34 -20.39
N GLY B 224 6.32 -8.29 -21.72
CA GLY B 224 6.20 -9.47 -22.58
C GLY B 224 7.15 -10.58 -22.17
N ILE B 225 8.35 -10.20 -21.76
CA ILE B 225 9.30 -11.15 -21.21
C ILE B 225 8.79 -11.74 -19.90
N VAL B 226 8.32 -10.90 -18.97
CA VAL B 226 7.85 -11.52 -17.71
C VAL B 226 6.70 -12.45 -18.02
N LEU B 227 5.88 -12.10 -19.01
CA LEU B 227 4.83 -13.00 -19.43
C LEU B 227 5.42 -14.35 -19.82
N TYR B 228 6.53 -14.31 -20.55
CA TYR B 228 7.21 -15.54 -20.91
C TYR B 228 7.66 -16.24 -19.64
N GLU B 229 8.32 -15.51 -18.74
CA GLU B 229 8.80 -16.10 -17.48
C GLU B 229 7.69 -16.82 -16.76
N LEU B 230 6.51 -16.21 -16.74
CA LEU B 230 5.39 -16.74 -15.97
C LEU B 230 4.87 -18.01 -16.59
N MET B 231 4.81 -18.03 -17.90
CA MET B 231 4.24 -19.17 -18.58
C MET B 231 5.23 -20.33 -18.75
N THR B 232 6.50 -20.00 -18.79
CA THR B 232 7.51 -20.99 -19.06
C THR B 232 8.31 -21.31 -17.81
N GLY B 233 7.99 -20.63 -16.71
CA GLY B 233 8.73 -20.82 -15.47
C GLY B 233 10.24 -20.66 -15.63
N GLN B 234 10.64 -20.02 -16.72
CA GLN B 234 12.05 -19.90 -17.10
C GLN B 234 12.44 -18.52 -17.65
N LEU B 235 13.73 -18.18 -17.61
CA LEU B 235 14.23 -17.03 -18.33
C LEU B 235 14.37 -17.39 -19.81
N PRO B 236 14.28 -16.41 -20.72
CA PRO B 236 14.52 -16.82 -22.10
C PRO B 236 16.00 -17.11 -22.36
N TYR B 237 16.30 -17.71 -23.52
CA TYR B 237 17.67 -17.94 -24.01
C TYR B 237 18.54 -18.68 -23.01
N SER B 238 17.92 -19.63 -22.31
CA SER B 238 18.55 -20.41 -21.24
C SER B 238 19.61 -21.35 -21.75
N ASN B 239 19.65 -21.53 -23.06
CA ASN B 239 20.56 -22.47 -23.73
C ASN B 239 21.59 -21.74 -24.58
N ILE B 240 21.74 -20.45 -24.33
CA ILE B 240 22.78 -19.69 -24.98
C ILE B 240 23.64 -19.07 -23.90
N ASN B 241 24.70 -19.76 -23.48
CA ASN B 241 25.52 -19.32 -22.34
C ASN B 241 26.39 -18.09 -22.56
N ASN B 242 26.66 -17.75 -23.81
CA ASN B 242 27.46 -16.57 -24.11
C ASN B 242 26.59 -15.32 -24.22
N ARG B 243 26.64 -14.50 -23.16
CA ARG B 243 25.78 -13.32 -23.07
C ARG B 243 26.06 -12.18 -24.07
N ASP B 244 27.29 -12.10 -24.58
CA ASP B 244 27.65 -11.06 -25.55
C ASP B 244 26.96 -11.30 -26.87
N GLN B 245 26.73 -12.58 -27.15
CA GLN B 245 26.08 -13.03 -28.36
C GLN B 245 24.60 -12.73 -28.31
N ILE B 246 24.00 -12.95 -27.14
CA ILE B 246 22.59 -12.63 -26.92
C ILE B 246 22.32 -11.20 -27.39
N ILE B 247 23.16 -10.27 -26.90
CA ILE B 247 23.05 -8.85 -27.20
C ILE B 247 23.09 -8.60 -28.69
N PHE B 248 24.10 -9.15 -29.36
CA PHE B 248 24.21 -8.96 -30.78
C PHE B 248 22.96 -9.46 -31.48
N MET B 249 22.61 -10.72 -31.20
CA MET B 249 21.58 -11.44 -31.93
C MET B 249 20.18 -10.85 -31.78
N VAL B 250 19.87 -10.41 -30.57
CA VAL B 250 18.57 -9.84 -30.24
C VAL B 250 18.45 -8.48 -30.91
N GLY B 251 19.54 -7.71 -30.85
CA GLY B 251 19.60 -6.39 -31.48
C GLY B 251 19.38 -6.45 -32.99
N ARG B 252 20.03 -7.42 -33.61
CA ARG B 252 19.87 -7.67 -35.02
C ARG B 252 18.53 -8.28 -35.38
N GLY B 253 17.85 -8.91 -34.41
CA GLY B 253 16.56 -9.55 -34.63
C GLY B 253 16.63 -11.03 -35.03
N TYR B 254 17.82 -11.61 -34.86
CA TYR B 254 18.06 -13.01 -35.21
C TYR B 254 17.54 -13.89 -34.10
N LEU B 255 17.32 -13.30 -32.94
CA LEU B 255 16.94 -14.06 -31.77
C LEU B 255 15.69 -13.47 -31.13
N SER B 256 14.81 -14.34 -30.66
CA SER B 256 13.63 -13.93 -29.90
C SER B 256 13.17 -15.08 -29.00
N PRO B 257 12.35 -14.77 -27.96
CA PRO B 257 11.98 -15.83 -27.03
C PRO B 257 11.22 -16.96 -27.72
N ASP B 258 11.62 -18.19 -27.40
CA ASP B 258 11.05 -19.42 -27.96
C ASP B 258 9.68 -19.72 -27.34
N LEU B 259 8.64 -19.27 -28.04
CA LEU B 259 7.29 -19.32 -27.53
C LEU B 259 6.63 -20.70 -27.52
N SER B 260 7.35 -21.73 -27.98
CA SER B 260 6.80 -23.09 -27.95
C SER B 260 7.04 -23.78 -26.59
N LYS B 261 7.70 -23.07 -25.67
CA LYS B 261 7.91 -23.57 -24.31
C LYS B 261 6.76 -23.25 -23.35
N VAL B 262 5.75 -22.48 -23.80
CA VAL B 262 4.60 -22.17 -22.93
C VAL B 262 3.91 -23.46 -22.50
N ARG B 263 3.80 -23.67 -21.19
CA ARG B 263 3.20 -24.90 -20.64
C ARG B 263 1.80 -25.17 -21.26
N SER B 264 1.62 -26.41 -21.71
CA SER B 264 0.53 -26.82 -22.62
C SER B 264 -0.89 -26.34 -22.27
N ASN B 265 -1.10 -25.96 -21.00
CA ASN B 265 -2.39 -25.48 -20.51
C ASN B 265 -2.56 -23.94 -20.45
N CYS B 266 -1.53 -23.21 -20.90
CA CYS B 266 -1.61 -21.76 -21.08
C CYS B 266 -2.73 -21.43 -22.08
N PRO B 267 -3.64 -20.49 -21.74
CA PRO B 267 -4.68 -20.13 -22.72
C PRO B 267 -4.02 -19.60 -23.98
N LYS B 268 -4.57 -19.93 -25.14
CA LYS B 268 -3.90 -19.57 -26.38
C LYS B 268 -3.95 -18.07 -26.71
N ALA B 269 -4.89 -17.35 -26.09
CA ALA B 269 -4.95 -15.88 -26.15
C ALA B 269 -3.74 -15.24 -25.46
N MET B 270 -3.32 -15.84 -24.35
CA MET B 270 -2.15 -15.42 -23.57
C MET B 270 -0.87 -15.64 -24.34
N LYS B 271 -0.86 -16.68 -25.17
CA LYS B 271 0.28 -16.96 -26.00
C LYS B 271 0.34 -15.94 -27.14
N ARG B 272 -0.82 -15.44 -27.56
CA ARG B 272 -0.92 -14.41 -28.61
C ARG B 272 -0.57 -13.03 -28.08
N LEU B 273 -1.05 -12.73 -26.87
CA LEU B 273 -0.76 -11.49 -26.17
C LEU B 273 0.73 -11.39 -25.92
N MET B 274 1.34 -12.53 -25.66
CA MET B 274 2.76 -12.61 -25.44
C MET B 274 3.47 -12.16 -26.71
N ALA B 275 3.10 -12.79 -27.83
CA ALA B 275 3.64 -12.47 -29.15
C ALA B 275 3.43 -10.99 -29.49
N GLU B 276 2.17 -10.55 -29.41
CA GLU B 276 1.80 -9.13 -29.54
C GLU B 276 2.72 -8.23 -28.71
N CYS B 277 3.03 -8.65 -27.49
CA CYS B 277 3.82 -7.84 -26.60
C CYS B 277 5.29 -7.79 -26.98
N LEU B 278 5.78 -8.90 -27.53
CA LEU B 278 7.22 -9.04 -27.80
C LEU B 278 7.65 -8.63 -29.21
N LYS B 279 6.71 -8.13 -30.02
CA LYS B 279 7.00 -7.65 -31.38
C LYS B 279 8.33 -6.90 -31.49
N LYS B 280 9.19 -7.38 -32.39
CA LYS B 280 10.52 -6.81 -32.60
C LYS B 280 10.39 -5.36 -33.03
N LYS B 281 9.41 -5.07 -33.88
CA LYS B 281 9.10 -3.71 -34.28
C LYS B 281 8.31 -3.07 -33.16
N ARG B 282 8.82 -2.00 -32.58
CA ARG B 282 8.19 -1.41 -31.40
C ARG B 282 6.72 -1.00 -31.56
N ASP B 283 6.38 -0.45 -32.72
CA ASP B 283 5.07 0.18 -32.89
C ASP B 283 3.96 -0.80 -33.22
N GLU B 284 4.29 -2.09 -33.18
CA GLU B 284 3.27 -3.11 -33.30
C GLU B 284 2.82 -3.55 -31.91
N ARG B 285 3.56 -3.12 -30.89
CA ARG B 285 3.25 -3.47 -29.51
C ARG B 285 2.06 -2.68 -28.98
N PRO B 286 1.08 -3.38 -28.41
CA PRO B 286 -0.06 -2.71 -27.83
C PRO B 286 0.37 -1.98 -26.56
N LEU B 287 -0.43 -1.03 -26.09
CA LEU B 287 -0.17 -0.37 -24.82
C LEU B 287 -1.02 -0.97 -23.72
N PHE B 288 -0.76 -0.55 -22.48
CA PHE B 288 -1.32 -1.29 -21.35
C PHE B 288 -2.83 -1.32 -21.24
N PRO B 289 -3.52 -0.15 -21.30
CA PRO B 289 -4.99 -0.23 -21.27
C PRO B 289 -5.50 -1.46 -22.05
N GLN B 290 -5.02 -1.62 -23.28
CA GLN B 290 -5.45 -2.71 -24.14
C GLN B 290 -4.99 -4.07 -23.63
N ILE B 291 -3.73 -4.14 -23.17
CA ILE B 291 -3.18 -5.38 -22.58
C ILE B 291 -4.07 -5.84 -21.44
N LEU B 292 -4.34 -4.92 -20.52
CA LEU B 292 -5.20 -5.14 -19.38
C LEU B 292 -6.56 -5.74 -19.78
N ALA B 293 -7.16 -5.19 -20.84
CA ALA B 293 -8.41 -5.72 -21.39
C ALA B 293 -8.28 -7.18 -21.78
N SER B 294 -7.19 -7.52 -22.47
CA SER B 294 -6.96 -8.90 -22.92
C SER B 294 -6.79 -9.86 -21.75
N ILE B 295 -6.03 -9.43 -20.74
CA ILE B 295 -5.73 -10.30 -19.62
C ILE B 295 -7.00 -10.59 -18.83
N GLU B 296 -7.77 -9.53 -18.59
CA GLU B 296 -9.07 -9.63 -17.91
C GLU B 296 -10.06 -10.51 -18.70
N LEU B 297 -10.01 -10.43 -20.03
CA LEU B 297 -10.83 -11.26 -20.89
C LEU B 297 -10.49 -12.74 -20.70
N LEU B 298 -9.22 -13.08 -20.79
CA LEU B 298 -8.80 -14.47 -20.72
C LEU B 298 -8.87 -15.02 -19.29
N ALA B 299 -9.02 -14.14 -18.32
CA ALA B 299 -9.27 -14.54 -16.94
C ALA B 299 -10.63 -15.24 -16.86
N ARG B 300 -11.64 -14.53 -17.36
CA ARG B 300 -13.02 -15.00 -17.36
C ARG B 300 -13.26 -16.27 -18.16
N SER B 301 -12.23 -16.74 -18.86
CA SER B 301 -12.34 -17.91 -19.73
C SER B 301 -11.65 -19.16 -19.15
N LEU B 302 -11.78 -19.38 -17.85
CA LEU B 302 -10.98 -20.44 -17.21
C LEU B 302 -11.59 -21.23 -16.01
N PRO B 303 -11.97 -20.53 -14.88
CA PRO B 303 -12.59 -21.25 -13.73
C PRO B 303 -14.02 -21.72 -14.04
N LYS B 304 -14.90 -20.79 -14.40
CA LYS B 304 -16.21 -21.08 -14.98
C LYS B 304 -16.07 -21.52 -16.46
#